data_1B2H
#
_entry.id   1B2H
#
_cell.length_a   109.659
_cell.length_b   76.124
_cell.length_c   70.240
_cell.angle_alpha   90.00
_cell.angle_beta   90.00
_cell.angle_gamma   90.00
#
_symmetry.space_group_name_H-M   'P 21 21 21'
#
loop_
_entity.id
_entity.type
_entity.pdbx_description
1 polymer 'PERIPLASMIC OLIGOPEPTIDE-BINDING PROTEIN'
2 polymer LYS-ORN-LYS
3 non-polymer 'ACETATE ION'
4 non-polymer 'URANIUM ATOM'
5 water water
#
loop_
_entity_poly.entity_id
_entity_poly.type
_entity_poly.pdbx_seq_one_letter_code
_entity_poly.pdbx_strand_id
1 'polypeptide(L)'
;ADVPAGVQLADKQTLVRNNGSEVQSLDPHKIEGVPESNVSRDLFEGLLISDVEGHPSPGVAEKWENKDFKVWTFHLRENA
KWSDGTPVTAHDFVYSWQRLADPNTASPYASYLQYGHIANIDDIIAGKKPATDLGVKALDDHTFEVTLSEPVPYFYKLLV
HPSVSPVPKSAVEKFGDKWTQPANIVTNGAYKLKNWVVNERIVLERNPQYWDNAKTVINQVTYLPISSEVTDVNRYRSGE
IDMTYNNMPIELFQKLKKEIPNEVRVDPYLCTYYYEINNQKAPFNDVRVRTALKLALDRDIIVNKVKNQGDLPAYSYTPP
YTDGAKLVEPEWFKWSQQKRNEEAKKLLAEAGFTADKPLTFDLLYNTSDLHKKLAIAVASIWKKNLGVNVNLENQEWKTF
LDTRHQGTFDVARAGWCADYNEPTSFLNTMLSDSSNNTAHYKSPAFDKLIADTLKVADDTQRSELYAKAEQQLDKDSAIV
PVYYYVNARLVKPWVGGYTGKDPLDNIYVKNLYIIKH
;
A
2 'polypeptide(L)' K(ORN)K B
#
# COMPACT_ATOMS: atom_id res chain seq x y z
N ALA A 1 4.34 -12.69 -19.81
CA ALA A 1 5.29 -13.58 -19.12
C ALA A 1 6.44 -13.95 -20.08
N ASP A 2 7.60 -14.16 -19.54
CA ASP A 2 8.76 -14.60 -20.35
C ASP A 2 9.10 -16.02 -19.90
N VAL A 3 8.54 -17.02 -20.57
CA VAL A 3 8.80 -18.42 -20.17
C VAL A 3 10.17 -18.85 -20.64
N PRO A 4 11.07 -19.25 -19.73
CA PRO A 4 12.41 -19.68 -20.06
C PRO A 4 12.46 -20.85 -21.02
N ALA A 5 13.48 -20.86 -21.90
CA ALA A 5 13.60 -21.95 -22.88
C ALA A 5 13.64 -23.29 -22.16
N GLY A 6 12.97 -24.30 -22.68
CA GLY A 6 13.05 -25.61 -22.01
C GLY A 6 12.05 -25.81 -20.89
N VAL A 7 11.36 -24.77 -20.40
CA VAL A 7 10.38 -25.13 -19.35
C VAL A 7 9.16 -25.65 -20.07
N GLN A 8 8.56 -26.71 -19.53
CA GLN A 8 7.34 -27.25 -20.11
C GLN A 8 6.14 -26.65 -19.41
N LEU A 9 5.22 -26.06 -20.15
CA LEU A 9 4.03 -25.47 -19.52
C LEU A 9 2.97 -26.51 -19.21
N ALA A 10 2.21 -26.31 -18.15
CA ALA A 10 1.10 -27.22 -17.85
C ALA A 10 0.02 -26.98 -18.91
N ASP A 11 -0.81 -27.99 -19.13
CA ASP A 11 -1.90 -27.82 -20.09
C ASP A 11 -2.90 -26.76 -19.61
N LYS A 12 -3.24 -26.81 -18.35
CA LYS A 12 -4.20 -25.90 -17.73
C LYS A 12 -3.46 -24.74 -17.08
N GLN A 13 -3.66 -23.54 -17.64
CA GLN A 13 -2.94 -22.39 -17.08
C GLN A 13 -3.87 -21.54 -16.24
N THR A 14 -4.13 -21.98 -15.03
CA THR A 14 -5.02 -21.27 -14.09
C THR A 14 -4.27 -21.14 -12.76
N LEU A 15 -4.62 -20.08 -12.04
CA LEU A 15 -3.91 -19.75 -10.81
C LEU A 15 -4.93 -19.38 -9.76
N VAL A 16 -4.67 -19.76 -8.52
CA VAL A 16 -5.54 -19.37 -7.41
C VAL A 16 -4.61 -18.69 -6.39
N ARG A 17 -4.91 -17.45 -6.07
CA ARG A 17 -4.14 -16.67 -5.10
C ARG A 17 -5.02 -16.28 -3.94
N ASN A 18 -4.57 -16.35 -2.69
CA ASN A 18 -5.34 -15.86 -1.58
C ASN A 18 -5.06 -14.32 -1.57
N ASN A 19 -6.03 -13.52 -1.17
CA ASN A 19 -5.84 -12.06 -1.28
C ASN A 19 -6.19 -11.35 0.01
N GLY A 20 -6.18 -12.06 1.13
CA GLY A 20 -6.32 -11.49 2.46
C GLY A 20 -7.70 -11.16 2.93
N SER A 21 -8.52 -10.52 2.12
CA SER A 21 -9.83 -10.10 2.52
C SER A 21 -10.64 -9.68 1.30
N GLU A 22 -11.92 -9.39 1.56
CA GLU A 22 -12.77 -8.90 0.49
C GLU A 22 -12.30 -7.49 0.13
N VAL A 23 -12.24 -7.15 -1.16
CA VAL A 23 -11.72 -5.85 -1.52
C VAL A 23 -12.70 -4.73 -1.16
N GLN A 24 -12.18 -3.55 -0.95
CA GLN A 24 -13.00 -2.37 -0.70
C GLN A 24 -13.86 -2.09 -1.95
N SER A 25 -13.25 -2.27 -3.12
CA SER A 25 -13.87 -1.91 -4.38
C SER A 25 -12.99 -2.38 -5.52
N LEU A 26 -13.48 -2.38 -6.76
CA LEU A 26 -12.66 -2.60 -7.94
C LEU A 26 -12.46 -1.31 -8.73
N ASP A 27 -13.02 -0.21 -8.20
CA ASP A 27 -12.88 1.11 -8.86
C ASP A 27 -11.55 1.67 -8.40
N PRO A 28 -10.62 1.95 -9.30
CA PRO A 28 -9.29 2.45 -8.98
C PRO A 28 -9.25 3.76 -8.22
N HIS A 29 -10.28 4.58 -8.24
CA HIS A 29 -10.35 5.81 -7.48
C HIS A 29 -11.01 5.62 -6.11
N LYS A 30 -11.44 4.42 -5.74
CA LYS A 30 -12.06 4.23 -4.42
C LYS A 30 -11.25 3.28 -3.53
N ILE A 31 -10.04 2.95 -3.92
CA ILE A 31 -9.27 1.95 -3.17
C ILE A 31 -8.01 2.52 -2.54
N GLU A 32 -7.55 1.79 -1.50
CA GLU A 32 -6.32 2.32 -0.87
C GLU A 32 -5.43 1.20 -0.41
N GLY A 33 -5.87 -0.05 -0.45
CA GLY A 33 -5.08 -1.15 0.14
C GLY A 33 -4.40 -2.12 -0.80
N VAL A 34 -3.61 -3.03 -0.22
CA VAL A 34 -2.87 -4.07 -0.94
C VAL A 34 -3.76 -5.10 -1.61
N PRO A 35 -4.76 -5.64 -0.90
CA PRO A 35 -5.71 -6.58 -1.49
C PRO A 35 -6.35 -5.93 -2.70
N GLU A 36 -6.74 -4.64 -2.55
CA GLU A 36 -7.39 -3.96 -3.67
C GLU A 36 -6.44 -3.79 -4.85
N SER A 37 -5.21 -3.41 -4.53
CA SER A 37 -4.21 -3.13 -5.57
C SER A 37 -3.82 -4.42 -6.29
N ASN A 38 -3.78 -5.52 -5.54
CA ASN A 38 -3.45 -6.81 -6.14
C ASN A 38 -4.38 -7.12 -7.31
N VAL A 39 -5.69 -6.94 -7.13
CA VAL A 39 -6.62 -7.19 -8.22
C VAL A 39 -6.53 -6.08 -9.25
N SER A 40 -6.39 -4.82 -8.80
CA SER A 40 -6.34 -3.69 -9.76
C SER A 40 -5.28 -3.82 -10.81
N ARG A 41 -4.08 -4.30 -10.45
CA ARG A 41 -3.01 -4.43 -11.44
C ARG A 41 -3.34 -5.38 -12.59
N ASP A 42 -4.15 -6.42 -12.35
CA ASP A 42 -4.51 -7.32 -13.46
C ASP A 42 -5.61 -6.73 -14.35
N LEU A 43 -6.38 -5.80 -13.82
CA LEU A 43 -7.49 -5.22 -14.56
C LEU A 43 -7.27 -3.87 -15.24
N PHE A 44 -6.62 -2.93 -14.56
CA PHE A 44 -6.45 -1.57 -15.07
C PHE A 44 -4.96 -1.27 -15.20
N GLU A 45 -4.59 -0.75 -16.37
CA GLU A 45 -3.19 -0.45 -16.66
C GLU A 45 -2.94 1.02 -16.94
N GLY A 46 -2.04 1.63 -16.17
CA GLY A 46 -1.76 3.05 -16.33
C GLY A 46 -0.63 3.27 -17.36
N LEU A 47 -0.10 4.48 -17.30
CA LEU A 47 0.96 4.93 -18.21
C LEU A 47 2.16 4.01 -18.17
N LEU A 48 2.64 3.70 -16.98
CA LEU A 48 3.77 2.81 -16.75
C LEU A 48 3.31 1.63 -15.89
N ILE A 49 4.09 0.54 -15.91
CA ILE A 49 3.79 -0.61 -15.02
C ILE A 49 5.13 -1.04 -14.42
N SER A 50 5.14 -1.89 -13.40
CA SER A 50 6.40 -2.42 -12.90
C SER A 50 6.74 -3.64 -13.74
N ASP A 51 8.00 -3.87 -14.07
CA ASP A 51 8.34 -5.11 -14.79
C ASP A 51 8.37 -6.23 -13.73
N VAL A 52 8.79 -7.45 -14.07
CA VAL A 52 8.84 -8.53 -13.10
C VAL A 52 9.78 -8.29 -11.93
N GLU A 53 10.74 -7.39 -11.99
CA GLU A 53 11.61 -7.15 -10.85
C GLU A 53 11.24 -5.85 -10.17
N GLY A 54 10.16 -5.17 -10.59
CA GLY A 54 9.80 -3.91 -9.91
C GLY A 54 10.20 -2.64 -10.63
N HIS A 55 10.99 -2.66 -11.71
CA HIS A 55 11.41 -1.38 -12.30
C HIS A 55 10.23 -0.72 -13.04
N PRO A 56 10.10 0.58 -12.94
CA PRO A 56 9.06 1.30 -13.69
C PRO A 56 9.30 1.00 -15.15
N SER A 57 8.33 0.64 -15.96
CA SER A 57 8.49 0.26 -17.35
C SER A 57 7.24 0.65 -18.13
N PRO A 58 7.30 0.56 -19.45
CA PRO A 58 6.18 0.97 -20.29
C PRO A 58 4.89 0.25 -19.99
N GLY A 59 3.81 1.02 -19.89
CA GLY A 59 2.47 0.44 -19.67
C GLY A 59 1.69 0.90 -20.92
N VAL A 60 0.66 1.70 -20.77
CA VAL A 60 -0.02 2.27 -21.95
C VAL A 60 0.94 3.21 -22.68
N ALA A 61 1.81 3.89 -21.94
CA ALA A 61 2.81 4.76 -22.52
C ALA A 61 4.00 3.93 -23.01
N GLU A 62 4.33 4.04 -24.30
CA GLU A 62 5.47 3.22 -24.76
C GLU A 62 6.78 3.98 -24.62
N LYS A 63 6.67 5.32 -24.55
CA LYS A 63 7.86 6.16 -24.34
C LYS A 63 7.47 7.52 -23.78
N TRP A 64 8.36 8.19 -23.05
CA TRP A 64 7.98 9.49 -22.48
C TRP A 64 9.21 10.39 -22.33
N GLU A 65 8.98 11.69 -22.24
CA GLU A 65 10.08 12.63 -22.06
C GLU A 65 9.69 13.67 -21.01
N ASN A 66 10.68 14.40 -20.52
CA ASN A 66 10.32 15.49 -19.62
C ASN A 66 11.11 16.75 -19.99
N LYS A 67 10.48 17.87 -19.71
CA LYS A 67 11.14 19.17 -19.83
C LYS A 67 11.32 19.70 -18.42
N ASP A 68 12.55 19.80 -17.95
CA ASP A 68 12.86 20.36 -16.64
C ASP A 68 12.21 19.65 -15.46
N PHE A 69 11.83 18.37 -15.62
CA PHE A 69 11.12 17.58 -14.65
C PHE A 69 9.79 18.20 -14.29
N LYS A 70 9.23 19.07 -15.14
CA LYS A 70 8.00 19.79 -14.88
C LYS A 70 6.92 19.48 -15.89
N VAL A 71 7.28 19.31 -17.17
CA VAL A 71 6.26 18.96 -18.15
C VAL A 71 6.63 17.59 -18.70
N TRP A 72 5.77 16.63 -18.43
CA TRP A 72 5.98 15.23 -18.80
C TRP A 72 5.06 14.80 -19.93
N THR A 73 5.63 14.31 -21.03
CA THR A 73 4.86 13.93 -22.21
C THR A 73 4.94 12.44 -22.47
N PHE A 74 3.78 11.81 -22.46
CA PHE A 74 3.66 10.36 -22.59
C PHE A 74 3.05 9.98 -23.94
N HIS A 75 3.81 9.20 -24.67
CA HIS A 75 3.42 8.71 -25.99
C HIS A 75 2.76 7.35 -25.83
N LEU A 76 1.44 7.26 -26.01
CA LEU A 76 0.71 6.03 -25.79
C LEU A 76 0.76 5.13 -27.02
N ARG A 77 0.95 3.84 -26.79
CA ARG A 77 1.02 2.87 -27.90
C ARG A 77 -0.32 2.84 -28.62
N GLU A 78 -0.23 2.80 -29.96
CA GLU A 78 -1.42 2.83 -30.81
C GLU A 78 -2.35 1.64 -30.67
N ASN A 79 -1.90 0.47 -30.28
CA ASN A 79 -2.79 -0.66 -30.08
C ASN A 79 -3.29 -0.88 -28.66
N ALA A 80 -3.13 0.09 -27.74
CA ALA A 80 -3.71 -0.11 -26.40
C ALA A 80 -5.24 -0.10 -26.53
N LYS A 81 -5.92 -1.09 -25.97
CA LYS A 81 -7.37 -1.19 -26.05
C LYS A 81 -8.01 -1.67 -24.74
N TRP A 82 -9.27 -1.29 -24.54
CA TRP A 82 -10.11 -1.75 -23.46
C TRP A 82 -10.63 -3.14 -23.81
N SER A 83 -11.27 -3.85 -22.89
CA SER A 83 -11.78 -5.18 -23.16
C SER A 83 -12.96 -5.24 -24.13
N ASP A 84 -13.59 -4.13 -24.44
CA ASP A 84 -14.68 -4.11 -25.43
C ASP A 84 -14.16 -3.77 -26.82
N GLY A 85 -12.84 -3.67 -26.97
CA GLY A 85 -12.17 -3.39 -28.21
C GLY A 85 -11.93 -1.93 -28.53
N THR A 86 -12.43 -1.00 -27.72
CA THR A 86 -12.23 0.42 -28.01
C THR A 86 -10.85 0.85 -27.56
N PRO A 87 -10.25 1.79 -28.29
CA PRO A 87 -8.92 2.26 -28.00
C PRO A 87 -8.83 2.97 -26.65
N VAL A 88 -7.68 2.76 -26.02
CA VAL A 88 -7.34 3.51 -24.81
C VAL A 88 -6.69 4.81 -25.32
N THR A 89 -7.18 5.97 -24.91
CA THR A 89 -6.55 7.19 -25.46
C THR A 89 -6.04 8.08 -24.37
N ALA A 90 -5.41 9.21 -24.73
CA ALA A 90 -5.01 10.19 -23.74
C ALA A 90 -6.26 10.83 -23.11
N HIS A 91 -7.39 10.89 -23.80
CA HIS A 91 -8.61 11.45 -23.24
C HIS A 91 -9.08 10.57 -22.06
N ASP A 92 -8.88 9.26 -22.10
CA ASP A 92 -9.22 8.42 -20.96
C ASP A 92 -8.43 8.87 -19.73
N PHE A 93 -7.12 9.13 -19.89
CA PHE A 93 -6.31 9.59 -18.80
C PHE A 93 -6.71 10.96 -18.30
N VAL A 94 -7.03 11.91 -19.22
CA VAL A 94 -7.48 13.23 -18.76
C VAL A 94 -8.72 13.08 -17.88
N TYR A 95 -9.72 12.38 -18.36
CA TYR A 95 -10.96 12.18 -17.59
C TYR A 95 -10.62 11.50 -16.27
N SER A 96 -9.84 10.42 -16.36
CA SER A 96 -9.54 9.69 -15.10
C SER A 96 -8.86 10.49 -14.02
N TRP A 97 -7.77 11.21 -14.36
CA TRP A 97 -7.06 11.98 -13.35
C TRP A 97 -7.94 13.12 -12.85
N GLN A 98 -8.79 13.69 -13.75
CA GLN A 98 -9.71 14.72 -13.23
C GLN A 98 -10.67 14.09 -12.23
N ARG A 99 -11.19 12.90 -12.50
CA ARG A 99 -12.13 12.24 -11.59
C ARG A 99 -11.45 11.91 -10.26
N LEU A 100 -10.20 11.49 -10.33
CA LEU A 100 -9.45 11.27 -9.07
C LEU A 100 -9.33 12.57 -8.26
N ALA A 101 -9.09 13.72 -8.90
CA ALA A 101 -8.93 14.98 -8.19
C ALA A 101 -10.22 15.56 -7.61
N ASP A 102 -11.32 15.30 -8.27
CA ASP A 102 -12.63 15.84 -7.92
C ASP A 102 -13.06 15.41 -6.53
N PRO A 103 -13.28 16.37 -5.65
CA PRO A 103 -13.71 16.09 -4.28
C PRO A 103 -15.00 15.31 -4.19
N ASN A 104 -15.87 15.39 -5.20
CA ASN A 104 -17.09 14.60 -5.21
C ASN A 104 -16.79 13.10 -5.34
N THR A 105 -15.65 12.72 -5.92
CA THR A 105 -15.28 11.30 -5.96
C THR A 105 -14.84 10.82 -4.57
N ALA A 106 -14.39 11.71 -3.69
CA ALA A 106 -13.92 11.38 -2.35
C ALA A 106 -12.90 10.25 -2.35
N SER A 107 -11.93 10.32 -3.28
CA SER A 107 -10.95 9.22 -3.34
C SER A 107 -10.06 9.27 -2.12
N PRO A 108 -9.73 8.12 -1.53
CA PRO A 108 -8.73 8.10 -0.46
C PRO A 108 -7.35 8.46 -1.02
N TYR A 109 -7.15 8.38 -2.35
CA TYR A 109 -5.90 8.70 -2.99
C TYR A 109 -5.96 10.00 -3.83
N ALA A 110 -6.92 10.87 -3.50
CA ALA A 110 -6.94 12.19 -4.16
C ALA A 110 -5.61 12.90 -3.98
N SER A 111 -4.94 12.81 -2.84
CA SER A 111 -3.66 13.44 -2.59
C SER A 111 -2.52 12.85 -3.40
N TYR A 112 -2.70 11.72 -4.10
CA TYR A 112 -1.63 11.20 -4.94
C TYR A 112 -1.26 12.30 -5.96
N LEU A 113 -2.23 13.11 -6.42
CA LEU A 113 -1.93 14.14 -7.40
C LEU A 113 -1.22 15.31 -6.75
N GLN A 114 -1.30 15.47 -5.42
CA GLN A 114 -0.52 16.45 -4.70
C GLN A 114 0.90 15.90 -4.55
N TYR A 115 1.02 14.57 -4.34
CA TYR A 115 2.38 14.01 -4.19
C TYR A 115 3.17 14.18 -5.48
N GLY A 116 2.50 14.12 -6.64
CA GLY A 116 3.17 14.34 -7.91
C GLY A 116 3.18 15.84 -8.25
N HIS A 117 2.50 16.70 -7.53
CA HIS A 117 2.48 18.13 -7.79
C HIS A 117 1.88 18.55 -9.12
N ILE A 118 0.84 17.86 -9.55
CA ILE A 118 0.17 18.22 -10.82
C ILE A 118 -0.38 19.64 -10.62
N ALA A 119 -0.32 20.46 -11.65
CA ALA A 119 -0.76 21.86 -11.49
C ALA A 119 -2.23 21.96 -11.12
N ASN A 120 -2.53 22.88 -10.21
CA ASN A 120 -3.81 23.25 -9.70
C ASN A 120 -4.49 22.24 -8.77
N ILE A 121 -3.77 21.19 -8.38
CA ILE A 121 -4.43 20.18 -7.53
C ILE A 121 -4.88 20.72 -6.19
N ASP A 122 -4.14 21.54 -5.46
CA ASP A 122 -4.57 22.01 -4.14
C ASP A 122 -5.92 22.71 -4.22
N ASP A 123 -6.05 23.61 -5.19
CA ASP A 123 -7.29 24.33 -5.44
C ASP A 123 -8.46 23.44 -5.80
N ILE A 124 -8.20 22.38 -6.57
CA ILE A 124 -9.25 21.44 -6.94
C ILE A 124 -9.72 20.64 -5.73
N ILE A 125 -8.78 20.13 -4.94
CA ILE A 125 -9.18 19.39 -3.74
C ILE A 125 -9.97 20.29 -2.80
N ALA A 126 -9.56 21.56 -2.70
CA ALA A 126 -10.28 22.50 -1.83
C ALA A 126 -11.58 23.03 -2.43
N GLY A 127 -11.96 22.66 -3.64
CA GLY A 127 -13.21 23.11 -4.24
C GLY A 127 -13.16 24.52 -4.80
N LYS A 128 -11.96 25.09 -4.91
CA LYS A 128 -11.84 26.46 -5.39
C LYS A 128 -11.76 26.52 -6.90
N LYS A 129 -11.36 25.43 -7.56
CA LYS A 129 -11.29 25.33 -9.00
C LYS A 129 -11.92 23.99 -9.37
N PRO A 130 -12.58 23.91 -10.50
CA PRO A 130 -13.19 22.70 -10.98
C PRO A 130 -12.09 21.71 -11.35
N ALA A 131 -12.41 20.42 -11.41
CA ALA A 131 -11.41 19.39 -11.71
C ALA A 131 -10.83 19.51 -13.10
N THR A 132 -11.58 20.11 -14.02
CA THR A 132 -11.14 20.39 -15.37
C THR A 132 -10.01 21.39 -15.45
N ASP A 133 -9.63 22.09 -14.38
CA ASP A 133 -8.45 22.94 -14.39
C ASP A 133 -7.18 22.15 -14.06
N LEU A 134 -7.27 20.85 -13.80
CA LEU A 134 -6.06 20.08 -13.46
C LEU A 134 -5.03 20.16 -14.57
N GLY A 135 -3.75 20.16 -14.27
CA GLY A 135 -2.70 20.29 -15.27
C GLY A 135 -2.40 19.06 -16.10
N VAL A 136 -3.38 18.50 -16.77
CA VAL A 136 -3.28 17.41 -17.70
C VAL A 136 -3.97 17.78 -19.02
N LYS A 137 -3.44 17.30 -20.14
CA LYS A 137 -4.18 17.52 -21.40
C LYS A 137 -3.84 16.40 -22.36
N ALA A 138 -4.75 16.13 -23.29
CA ALA A 138 -4.47 15.14 -24.34
C ALA A 138 -4.08 16.02 -25.55
N LEU A 139 -2.86 15.92 -26.01
CA LEU A 139 -2.43 16.75 -27.16
C LEU A 139 -3.00 16.16 -28.43
N ASP A 140 -3.27 14.85 -28.37
CA ASP A 140 -3.94 14.11 -29.39
C ASP A 140 -4.41 12.78 -28.80
N ASP A 141 -5.01 11.88 -29.57
CA ASP A 141 -5.49 10.63 -28.98
C ASP A 141 -4.35 9.82 -28.34
N HIS A 142 -3.10 9.95 -28.78
CA HIS A 142 -2.04 9.09 -28.22
C HIS A 142 -0.98 9.86 -27.50
N THR A 143 -1.30 11.07 -27.03
CA THR A 143 -0.26 11.85 -26.36
C THR A 143 -0.88 12.54 -25.15
N PHE A 144 -0.40 12.11 -23.98
CA PHE A 144 -0.86 12.68 -22.72
C PHE A 144 0.24 13.55 -22.13
N GLU A 145 -0.10 14.80 -21.80
CA GLU A 145 0.88 15.75 -21.29
C GLU A 145 0.58 16.22 -19.88
N VAL A 146 1.50 16.06 -18.94
CA VAL A 146 1.26 16.45 -17.55
C VAL A 146 2.14 17.61 -17.18
N THR A 147 1.55 18.64 -16.57
CA THR A 147 2.27 19.82 -16.13
C THR A 147 2.29 19.88 -14.61
N LEU A 148 3.48 19.92 -14.04
CA LEU A 148 3.64 20.00 -12.59
C LEU A 148 3.94 21.44 -12.18
N SER A 149 3.69 21.77 -10.93
CA SER A 149 3.95 23.13 -10.44
C SER A 149 5.39 23.31 -9.97
N GLU A 150 6.18 22.25 -9.94
CA GLU A 150 7.60 22.34 -9.60
C GLU A 150 8.26 21.07 -10.11
N PRO A 151 9.58 21.08 -10.24
CA PRO A 151 10.31 19.94 -10.76
C PRO A 151 10.23 18.75 -9.81
N VAL A 152 9.89 17.61 -10.40
CA VAL A 152 9.80 16.36 -9.60
C VAL A 152 10.55 15.30 -10.40
N PRO A 153 11.82 15.09 -10.10
CA PRO A 153 12.68 14.19 -10.86
C PRO A 153 12.22 12.75 -10.89
N TYR A 154 11.56 12.32 -9.81
CA TYR A 154 11.02 10.98 -9.70
C TYR A 154 9.57 10.81 -10.06
N PHE A 155 8.93 11.83 -10.67
CA PHE A 155 7.53 11.77 -11.01
C PHE A 155 7.07 10.51 -11.70
N TYR A 156 7.78 10.03 -12.72
CA TYR A 156 7.34 8.85 -13.47
C TYR A 156 7.26 7.59 -12.61
N LYS A 157 8.01 7.51 -11.51
CA LYS A 157 7.91 6.35 -10.61
C LYS A 157 6.54 6.24 -9.97
N LEU A 158 5.83 7.35 -9.78
CA LEU A 158 4.51 7.32 -9.19
C LEU A 158 3.46 6.63 -10.05
N LEU A 159 3.69 6.57 -11.36
CA LEU A 159 2.66 6.19 -12.31
C LEU A 159 2.28 4.74 -12.48
N VAL A 160 2.83 3.84 -11.68
CA VAL A 160 2.42 2.44 -11.69
C VAL A 160 1.28 2.23 -10.70
N HIS A 161 0.89 3.20 -9.91
CA HIS A 161 -0.12 3.03 -8.84
C HIS A 161 -1.52 2.97 -9.36
N PRO A 162 -2.44 2.22 -8.75
CA PRO A 162 -3.80 2.08 -9.25
C PRO A 162 -4.56 3.40 -9.31
N SER A 163 -4.32 4.35 -8.42
CA SER A 163 -5.06 5.61 -8.46
C SER A 163 -4.90 6.38 -9.76
N VAL A 164 -3.82 6.23 -10.51
CA VAL A 164 -3.59 6.91 -11.78
C VAL A 164 -3.80 5.99 -12.98
N SER A 165 -4.53 4.90 -12.75
CA SER A 165 -4.94 4.04 -13.89
C SER A 165 -6.21 4.67 -14.51
N PRO A 166 -6.48 4.35 -15.76
CA PRO A 166 -7.67 4.88 -16.40
C PRO A 166 -8.92 4.14 -16.01
N VAL A 167 -10.05 4.82 -16.01
CA VAL A 167 -11.37 4.22 -15.82
C VAL A 167 -12.21 4.60 -17.06
N PRO A 168 -13.12 3.74 -17.44
CA PRO A 168 -13.93 3.94 -18.65
C PRO A 168 -15.11 4.86 -18.38
N LYS A 169 -15.02 6.10 -18.88
CA LYS A 169 -16.03 7.12 -18.69
C LYS A 169 -17.45 6.68 -19.00
N SER A 170 -17.67 6.03 -20.13
CA SER A 170 -19.04 5.65 -20.49
C SER A 170 -19.65 4.67 -19.50
N ALA A 171 -18.89 3.69 -19.01
CA ALA A 171 -19.44 2.78 -18.00
C ALA A 171 -19.67 3.48 -16.69
N VAL A 172 -18.72 4.33 -16.27
CA VAL A 172 -18.86 5.07 -15.03
C VAL A 172 -20.12 5.93 -15.04
N GLU A 173 -20.27 6.69 -16.11
CA GLU A 173 -21.40 7.61 -16.22
C GLU A 173 -22.74 6.89 -16.35
N LYS A 174 -22.77 5.80 -17.11
CA LYS A 174 -24.03 5.08 -17.28
C LYS A 174 -24.44 4.25 -16.08
N PHE A 175 -23.51 3.56 -15.39
CA PHE A 175 -23.90 2.70 -14.28
C PHE A 175 -23.56 3.21 -12.90
N GLY A 176 -22.85 4.33 -12.77
CA GLY A 176 -22.55 4.88 -11.46
C GLY A 176 -21.74 3.89 -10.64
N ASP A 177 -22.14 3.62 -9.41
CA ASP A 177 -21.45 2.67 -8.56
C ASP A 177 -21.55 1.20 -8.94
N LYS A 178 -22.31 0.85 -9.96
CA LYS A 178 -22.41 -0.53 -10.42
C LYS A 178 -21.56 -0.74 -11.66
N TRP A 179 -20.75 0.25 -12.07
CA TRP A 179 -19.91 0.12 -13.25
C TRP A 179 -18.94 -1.06 -13.13
N THR A 180 -18.50 -1.41 -11.90
CA THR A 180 -17.57 -2.51 -11.70
C THR A 180 -18.18 -3.90 -11.62
N GLN A 181 -19.52 -3.98 -11.80
CA GLN A 181 -20.13 -5.33 -11.85
C GLN A 181 -19.64 -6.00 -13.12
N PRO A 182 -19.55 -7.30 -13.17
CA PRO A 182 -19.09 -8.06 -14.32
C PRO A 182 -19.83 -7.78 -15.61
N ALA A 183 -21.15 -7.58 -15.51
CA ALA A 183 -21.92 -7.31 -16.74
C ALA A 183 -21.66 -5.91 -17.26
N ASN A 184 -21.14 -4.99 -16.43
CA ASN A 184 -20.93 -3.62 -16.84
C ASN A 184 -19.49 -3.14 -17.03
N ILE A 185 -18.59 -3.79 -16.30
CA ILE A 185 -17.20 -3.28 -16.26
C ILE A 185 -16.49 -3.44 -17.57
N VAL A 186 -15.53 -2.56 -17.82
CA VAL A 186 -14.67 -2.53 -18.99
C VAL A 186 -13.23 -2.28 -18.50
N THR A 187 -12.29 -3.13 -18.91
CA THR A 187 -10.93 -3.05 -18.36
C THR A 187 -9.88 -2.98 -19.43
N ASN A 188 -8.67 -2.47 -19.08
CA ASN A 188 -7.63 -2.35 -20.09
C ASN A 188 -6.36 -3.09 -19.68
N GLY A 189 -6.43 -3.86 -18.58
CA GLY A 189 -5.21 -4.62 -18.23
C GLY A 189 -5.23 -5.99 -18.91
N ALA A 190 -4.35 -6.91 -18.47
CA ALA A 190 -4.24 -8.21 -19.11
C ALA A 190 -5.45 -9.08 -18.87
N TYR A 191 -6.28 -8.80 -17.87
CA TYR A 191 -7.44 -9.57 -17.51
C TYR A 191 -8.72 -8.74 -17.56
N LYS A 192 -9.84 -9.47 -17.53
CA LYS A 192 -11.18 -8.98 -17.54
C LYS A 192 -11.90 -9.60 -16.35
N LEU A 193 -12.92 -8.95 -15.83
CA LEU A 193 -13.59 -9.56 -14.67
C LEU A 193 -14.63 -10.58 -15.14
N LYS A 194 -14.48 -11.83 -14.70
CA LYS A 194 -15.47 -12.84 -15.06
C LYS A 194 -16.55 -12.98 -13.99
N ASN A 195 -16.15 -13.20 -12.73
CA ASN A 195 -17.13 -13.40 -11.66
C ASN A 195 -16.71 -12.64 -10.40
N TRP A 196 -17.66 -12.21 -9.61
CA TRP A 196 -17.35 -11.52 -8.36
C TRP A 196 -18.42 -11.94 -7.34
N VAL A 197 -18.02 -12.84 -6.44
CA VAL A 197 -18.94 -13.26 -5.39
C VAL A 197 -18.36 -12.72 -4.09
N VAL A 198 -19.09 -11.80 -3.49
CA VAL A 198 -18.63 -11.15 -2.25
C VAL A 198 -18.37 -12.21 -1.20
N ASN A 199 -17.19 -12.12 -0.57
CA ASN A 199 -16.77 -13.00 0.47
C ASN A 199 -16.57 -14.43 0.01
N GLU A 200 -16.39 -14.64 -1.30
CA GLU A 200 -16.14 -16.01 -1.76
C GLU A 200 -14.98 -15.99 -2.75
N ARG A 201 -15.17 -15.27 -3.87
CA ARG A 201 -14.11 -15.26 -4.86
C ARG A 201 -14.27 -14.14 -5.88
N ILE A 202 -13.13 -13.81 -6.50
CA ILE A 202 -13.08 -12.91 -7.64
C ILE A 202 -12.35 -13.72 -8.73
N VAL A 203 -12.98 -13.89 -9.88
CA VAL A 203 -12.37 -14.68 -10.95
C VAL A 203 -12.16 -13.78 -12.17
N LEU A 204 -10.92 -13.73 -12.64
CA LEU A 204 -10.55 -12.89 -13.78
C LEU A 204 -10.17 -13.82 -14.94
N GLU A 205 -10.44 -13.39 -16.16
CA GLU A 205 -10.09 -14.21 -17.31
C GLU A 205 -9.28 -13.31 -18.26
N ARG A 206 -8.42 -13.95 -19.04
CA ARG A 206 -7.58 -13.23 -19.99
C ARG A 206 -8.38 -12.22 -20.80
N ASN A 207 -7.77 -11.06 -21.03
CA ASN A 207 -8.43 -10.02 -21.84
C ASN A 207 -7.79 -10.09 -23.21
N PRO A 208 -8.45 -10.64 -24.21
CA PRO A 208 -7.83 -10.79 -25.54
C PRO A 208 -7.55 -9.46 -26.22
N GLN A 209 -8.13 -8.35 -25.79
CA GLN A 209 -7.86 -7.04 -26.36
C GLN A 209 -6.62 -6.39 -25.79
N TYR A 210 -6.08 -6.94 -24.67
CA TYR A 210 -4.88 -6.37 -24.08
C TYR A 210 -3.80 -6.29 -25.14
N TRP A 211 -3.13 -5.14 -25.25
CA TRP A 211 -2.08 -5.02 -26.26
C TRP A 211 -0.97 -6.06 -26.16
N ASP A 212 -0.61 -6.48 -24.96
CA ASP A 212 0.47 -7.46 -24.84
C ASP A 212 -0.07 -8.88 -24.61
N ASN A 213 -1.31 -9.14 -24.98
CA ASN A 213 -1.97 -10.40 -24.82
C ASN A 213 -1.19 -11.60 -25.34
N ALA A 214 -0.47 -11.52 -26.47
CA ALA A 214 0.26 -12.70 -26.94
C ALA A 214 1.23 -13.24 -25.91
N LYS A 215 1.74 -12.39 -25.00
CA LYS A 215 2.67 -12.83 -23.97
C LYS A 215 1.99 -13.28 -22.67
N THR A 216 0.70 -13.08 -22.52
CA THR A 216 0.00 -13.54 -21.30
C THR A 216 -0.09 -15.07 -21.36
N VAL A 217 0.16 -15.78 -20.27
CA VAL A 217 0.11 -17.23 -20.24
C VAL A 217 -1.07 -17.75 -19.42
N ILE A 218 -1.27 -17.17 -18.22
CA ILE A 218 -2.35 -17.60 -17.33
C ILE A 218 -3.68 -17.18 -17.94
N ASN A 219 -4.62 -18.12 -18.10
CA ASN A 219 -5.89 -17.81 -18.73
C ASN A 219 -6.94 -17.37 -17.72
N GLN A 220 -6.75 -17.77 -16.46
CA GLN A 220 -7.74 -17.42 -15.44
C GLN A 220 -7.05 -17.38 -14.09
N VAL A 221 -7.37 -16.37 -13.30
CA VAL A 221 -6.78 -16.33 -11.94
C VAL A 221 -7.95 -16.02 -11.01
N THR A 222 -8.01 -16.68 -9.87
CA THR A 222 -9.04 -16.47 -8.87
C THR A 222 -8.40 -15.81 -7.67
N TYR A 223 -9.05 -14.76 -7.14
CA TYR A 223 -8.50 -14.15 -5.92
C TYR A 223 -9.43 -14.52 -4.78
N LEU A 224 -8.96 -15.05 -3.67
CA LEU A 224 -9.86 -15.39 -2.55
C LEU A 224 -9.70 -14.37 -1.41
N PRO A 225 -10.67 -14.26 -0.55
CA PRO A 225 -10.69 -13.27 0.53
C PRO A 225 -10.51 -13.83 1.91
N ILE A 226 -9.60 -14.79 2.06
CA ILE A 226 -9.41 -15.48 3.34
C ILE A 226 -8.51 -14.68 4.28
N SER A 227 -9.03 -14.28 5.44
CA SER A 227 -8.23 -13.44 6.34
C SER A 227 -7.59 -14.26 7.44
N SER A 228 -7.94 -15.55 7.53
CA SER A 228 -7.26 -16.46 8.47
C SER A 228 -5.99 -16.96 7.79
N GLU A 229 -4.81 -16.57 8.28
CA GLU A 229 -3.55 -17.01 7.67
C GLU A 229 -3.38 -18.54 7.82
N VAL A 230 -3.92 -19.13 8.88
CA VAL A 230 -3.87 -20.59 9.02
C VAL A 230 -4.66 -21.28 7.92
N THR A 231 -5.88 -20.80 7.66
CA THR A 231 -6.75 -21.37 6.63
C THR A 231 -6.11 -21.23 5.26
N ASP A 232 -5.51 -20.06 5.02
CA ASP A 232 -4.79 -19.81 3.77
C ASP A 232 -3.71 -20.86 3.59
N VAL A 233 -2.84 -21.04 4.61
CA VAL A 233 -1.82 -22.08 4.50
C VAL A 233 -2.46 -23.47 4.33
N ASN A 234 -3.51 -23.76 5.09
CA ASN A 234 -4.15 -25.07 4.96
C ASN A 234 -4.64 -25.34 3.54
N ARG A 235 -5.31 -24.39 2.92
CA ARG A 235 -5.85 -24.54 1.56
C ARG A 235 -4.77 -24.48 0.50
N TYR A 236 -3.64 -23.90 0.80
CA TYR A 236 -2.47 -23.97 -0.08
C TYR A 236 -1.97 -25.43 -0.02
N ARG A 237 -1.73 -25.93 1.19
CA ARG A 237 -1.19 -27.29 1.31
C ARG A 237 -2.15 -28.38 0.88
N SER A 238 -3.45 -28.16 0.88
CA SER A 238 -4.41 -29.17 0.40
C SER A 238 -4.45 -29.18 -1.14
N GLY A 239 -3.87 -28.14 -1.78
CA GLY A 239 -3.81 -28.09 -3.23
C GLY A 239 -4.72 -27.05 -3.87
N GLU A 240 -5.60 -26.44 -3.09
CA GLU A 240 -6.52 -25.46 -3.67
C GLU A 240 -5.83 -24.16 -4.07
N ILE A 241 -4.93 -23.67 -3.23
CA ILE A 241 -4.29 -22.36 -3.42
C ILE A 241 -2.86 -22.50 -3.93
N ASP A 242 -2.53 -21.74 -4.98
CA ASP A 242 -1.19 -21.80 -5.56
C ASP A 242 -0.27 -20.78 -4.89
N MET A 243 -0.82 -19.63 -4.47
CA MET A 243 0.00 -18.60 -3.84
C MET A 243 -0.76 -18.07 -2.61
N THR A 244 -0.16 -18.13 -1.41
CA THR A 244 -0.93 -17.61 -0.29
C THR A 244 -0.87 -16.06 -0.36
N TYR A 245 -1.63 -15.43 0.52
CA TYR A 245 -1.48 -13.99 0.71
C TYR A 245 -0.18 -13.85 1.51
N ASN A 246 0.36 -12.64 1.65
CA ASN A 246 1.62 -12.48 2.34
C ASN A 246 1.52 -12.08 3.79
N ASN A 247 0.64 -12.67 4.56
CA ASN A 247 0.52 -12.58 6.01
C ASN A 247 0.76 -14.05 6.43
N MET A 248 1.79 -14.38 7.18
CA MET A 248 2.00 -15.79 7.54
C MET A 248 1.62 -16.05 9.01
N PRO A 249 1.03 -17.20 9.27
CA PRO A 249 0.55 -17.52 10.62
C PRO A 249 1.67 -17.87 11.60
N ILE A 250 1.59 -17.28 12.79
CA ILE A 250 2.55 -17.60 13.85
C ILE A 250 2.44 -19.06 14.25
N GLU A 251 1.26 -19.66 14.18
CA GLU A 251 1.13 -21.07 14.54
C GLU A 251 2.02 -21.98 13.70
N LEU A 252 2.08 -21.74 12.40
CA LEU A 252 2.75 -22.64 11.47
C LEU A 252 4.06 -22.20 10.84
N PHE A 253 4.45 -20.92 10.85
CA PHE A 253 5.61 -20.51 10.06
C PHE A 253 6.90 -21.28 10.31
N GLN A 254 7.32 -21.40 11.58
CA GLN A 254 8.60 -22.09 11.82
C GLN A 254 8.55 -23.52 11.27
N LYS A 255 7.43 -24.24 11.41
CA LYS A 255 7.26 -25.59 10.90
C LYS A 255 7.31 -25.61 9.37
N LEU A 256 6.65 -24.60 8.76
CA LEU A 256 6.66 -24.55 7.29
C LEU A 256 8.06 -24.40 6.73
N LYS A 257 8.90 -23.61 7.39
CA LYS A 257 10.27 -23.44 6.89
C LYS A 257 11.05 -24.75 6.98
N LYS A 258 10.70 -25.62 7.92
CA LYS A 258 11.43 -26.89 7.99
C LYS A 258 10.80 -27.90 7.05
N GLU A 259 9.50 -27.77 6.80
CA GLU A 259 8.81 -28.75 5.96
C GLU A 259 8.87 -28.51 4.49
N ILE A 260 8.73 -27.25 4.04
CA ILE A 260 8.75 -26.95 2.60
C ILE A 260 9.54 -25.68 2.35
N PRO A 261 10.82 -25.67 2.75
CA PRO A 261 11.72 -24.55 2.60
C PRO A 261 11.74 -23.90 1.24
N ASN A 262 11.70 -24.68 0.17
CA ASN A 262 11.71 -24.11 -1.18
C ASN A 262 10.44 -23.35 -1.54
N GLU A 263 9.36 -23.53 -0.81
CA GLU A 263 8.09 -22.85 -1.07
C GLU A 263 7.88 -21.61 -0.24
N VAL A 264 8.64 -21.51 0.87
CA VAL A 264 8.52 -20.35 1.75
C VAL A 264 9.36 -19.23 1.18
N ARG A 265 8.75 -18.23 0.55
CA ARG A 265 9.54 -17.14 -0.03
C ARG A 265 9.57 -16.01 0.99
N VAL A 266 10.75 -15.50 1.30
CA VAL A 266 10.91 -14.40 2.24
C VAL A 266 11.85 -13.39 1.61
N ASP A 267 11.32 -12.19 1.30
CA ASP A 267 12.14 -11.18 0.60
C ASP A 267 11.91 -9.79 1.19
N PRO A 268 12.81 -8.87 0.85
CA PRO A 268 12.70 -7.50 1.33
C PRO A 268 11.35 -6.92 0.94
N TYR A 269 10.83 -6.04 1.77
CA TYR A 269 9.53 -5.42 1.46
C TYR A 269 9.51 -4.00 2.02
N LEU A 270 9.04 -3.03 1.24
CA LEU A 270 9.10 -1.65 1.72
C LEU A 270 7.81 -1.27 2.41
N CYS A 271 7.57 -1.94 3.56
CA CYS A 271 6.38 -1.67 4.35
C CYS A 271 6.80 -1.56 5.82
N THR A 272 6.05 -0.78 6.57
CA THR A 272 6.31 -0.62 7.98
C THR A 272 5.05 -1.00 8.76
N TYR A 273 5.25 -1.81 9.80
CA TYR A 273 4.15 -2.17 10.68
C TYR A 273 4.20 -1.23 11.87
N TYR A 274 3.10 -0.60 12.23
CA TYR A 274 3.11 0.34 13.35
C TYR A 274 1.74 0.38 14.01
N TYR A 275 1.66 1.02 15.20
CA TYR A 275 0.36 1.27 15.80
C TYR A 275 0.07 2.76 15.57
N GLU A 276 -0.97 2.99 14.79
CA GLU A 276 -1.46 4.30 14.40
C GLU A 276 -2.30 4.85 15.54
N ILE A 277 -1.82 5.94 16.13
CA ILE A 277 -2.49 6.66 17.19
C ILE A 277 -3.38 7.71 16.55
N ASN A 278 -4.62 7.83 17.04
CA ASN A 278 -5.51 8.86 16.51
C ASN A 278 -5.05 10.16 17.20
N ASN A 279 -4.26 10.98 16.51
CA ASN A 279 -3.66 12.16 17.11
C ASN A 279 -4.62 13.27 17.50
N GLN A 280 -5.85 13.27 17.03
CA GLN A 280 -6.80 14.33 17.33
C GLN A 280 -7.72 14.02 18.52
N LYS A 281 -7.58 12.88 19.15
CA LYS A 281 -8.51 12.48 20.19
C LYS A 281 -7.84 12.34 21.56
N ALA A 282 -8.42 13.06 22.51
CA ALA A 282 -7.95 13.01 23.90
C ALA A 282 -8.11 11.56 24.37
N PRO A 283 -7.16 11.02 25.09
CA PRO A 283 -5.96 11.69 25.51
C PRO A 283 -4.76 11.53 24.59
N PHE A 284 -5.01 11.06 23.36
CA PHE A 284 -3.91 10.83 22.43
C PHE A 284 -3.38 12.10 21.79
N ASN A 285 -3.95 13.24 22.11
CA ASN A 285 -3.46 14.54 21.61
C ASN A 285 -2.34 15.04 22.52
N ASP A 286 -2.05 14.30 23.58
CA ASP A 286 -0.97 14.63 24.50
C ASP A 286 0.29 13.91 24.05
N VAL A 287 1.36 14.63 23.69
CA VAL A 287 2.59 13.92 23.27
C VAL A 287 3.13 12.98 24.30
N ARG A 288 2.95 13.27 25.61
CA ARG A 288 3.44 12.40 26.67
C ARG A 288 2.82 11.01 26.60
N VAL A 289 1.52 10.98 26.33
CA VAL A 289 0.82 9.71 26.18
C VAL A 289 1.33 8.96 24.95
N ARG A 290 1.46 9.65 23.81
CA ARG A 290 1.94 8.96 22.60
C ARG A 290 3.35 8.44 22.80
N THR A 291 4.23 9.26 23.40
CA THR A 291 5.61 8.85 23.62
C THR A 291 5.70 7.66 24.53
N ALA A 292 4.85 7.63 25.58
CA ALA A 292 4.82 6.50 26.51
C ALA A 292 4.52 5.18 25.85
N LEU A 293 3.45 5.19 25.03
CA LEU A 293 3.07 3.99 24.26
C LEU A 293 4.21 3.56 23.33
N LYS A 294 4.84 4.50 22.65
CA LYS A 294 5.91 4.21 21.70
C LYS A 294 7.08 3.50 22.36
N LEU A 295 7.54 4.12 23.46
CA LEU A 295 8.66 3.58 24.22
C LEU A 295 8.40 2.27 24.94
N ALA A 296 7.25 2.11 25.58
CA ALA A 296 7.01 0.89 26.38
C ALA A 296 6.79 -0.34 25.55
N LEU A 297 6.52 -0.18 24.25
CA LEU A 297 6.33 -1.38 23.41
C LEU A 297 7.70 -2.01 23.23
N ASP A 298 7.85 -3.31 23.43
CA ASP A 298 9.12 -3.99 23.32
C ASP A 298 9.24 -4.64 21.94
N ARG A 299 9.94 -3.96 21.03
CA ARG A 299 10.07 -4.48 19.67
C ARG A 299 10.84 -5.78 19.59
N ASP A 300 11.85 -5.96 20.45
CA ASP A 300 12.59 -7.23 20.43
C ASP A 300 11.66 -8.40 20.72
N ILE A 301 10.82 -8.29 21.74
CA ILE A 301 9.86 -9.35 22.06
C ILE A 301 8.93 -9.62 20.86
N ILE A 302 8.34 -8.56 20.33
CA ILE A 302 7.41 -8.75 19.19
C ILE A 302 8.11 -9.37 18.00
N VAL A 303 9.20 -8.73 17.58
CA VAL A 303 9.89 -9.22 16.39
C VAL A 303 10.57 -10.55 16.56
N ASN A 304 11.33 -10.74 17.65
CA ASN A 304 12.10 -11.98 17.77
C ASN A 304 11.43 -13.12 18.46
N LYS A 305 10.57 -12.79 19.43
CA LYS A 305 9.88 -13.82 20.20
C LYS A 305 8.49 -14.08 19.70
N VAL A 306 7.63 -13.09 19.48
CA VAL A 306 6.25 -13.48 19.11
C VAL A 306 6.10 -13.76 17.63
N LYS A 307 6.47 -12.88 16.70
CA LYS A 307 6.33 -13.19 15.28
C LYS A 307 7.46 -14.08 14.79
N ASN A 308 8.69 -13.66 14.94
CA ASN A 308 9.90 -14.34 14.52
C ASN A 308 9.89 -14.85 13.09
N GLN A 309 9.74 -13.94 12.12
CA GLN A 309 9.67 -14.29 10.71
C GLN A 309 10.74 -13.52 9.93
N GLY A 310 11.61 -12.77 10.62
CA GLY A 310 12.67 -12.10 9.86
C GLY A 310 12.46 -10.58 9.77
N ASP A 311 11.36 -10.08 10.31
CA ASP A 311 11.13 -8.63 10.29
C ASP A 311 12.20 -7.93 11.13
N LEU A 312 12.38 -6.64 10.91
CA LEU A 312 13.37 -5.87 11.68
C LEU A 312 12.71 -4.83 12.56
N PRO A 313 13.16 -4.68 13.80
CA PRO A 313 12.63 -3.70 14.72
C PRO A 313 12.68 -2.31 14.13
N ALA A 314 11.61 -1.54 14.28
CA ALA A 314 11.53 -0.23 13.63
C ALA A 314 11.60 0.97 14.55
N TYR A 315 12.25 2.03 14.04
CA TYR A 315 12.34 3.25 14.86
C TYR A 315 11.89 4.44 14.04
N SER A 316 11.33 4.16 12.84
CA SER A 316 10.86 5.19 11.93
C SER A 316 9.59 4.75 11.17
N TYR A 317 9.07 5.67 10.36
CA TYR A 317 7.91 5.35 9.51
C TYR A 317 8.43 4.88 8.16
N THR A 318 9.19 5.73 7.46
CA THR A 318 9.85 5.29 6.23
C THR A 318 10.84 4.17 6.52
N PRO A 319 10.82 3.05 5.80
CA PRO A 319 11.80 2.00 6.00
C PRO A 319 13.17 2.57 5.63
N PRO A 320 14.21 2.25 6.39
CA PRO A 320 15.54 2.79 6.18
C PRO A 320 16.21 2.35 4.88
N TYR A 321 15.69 1.31 4.25
CA TYR A 321 16.22 0.80 3.00
C TYR A 321 15.42 1.27 1.78
N THR A 322 14.57 2.26 2.02
CA THR A 322 13.87 2.92 0.89
C THR A 322 14.95 3.64 0.05
N ASP A 323 14.83 3.66 -1.26
CA ASP A 323 15.80 4.35 -2.10
C ASP A 323 15.77 5.83 -1.76
N GLY A 324 16.80 6.43 -1.19
CA GLY A 324 16.81 7.84 -0.86
C GLY A 324 16.73 8.09 0.65
N ALA A 325 16.55 7.00 1.40
CA ALA A 325 16.49 7.11 2.84
C ALA A 325 17.90 6.96 3.44
N LYS A 326 18.20 7.97 4.25
CA LYS A 326 19.45 8.01 5.01
C LYS A 326 19.07 8.53 6.39
N LEU A 327 18.39 7.66 7.13
CA LEU A 327 17.79 8.02 8.40
C LEU A 327 18.71 7.96 9.62
N VAL A 328 18.40 8.86 10.58
CA VAL A 328 19.19 8.87 11.83
C VAL A 328 18.42 8.11 12.90
N GLU A 329 19.00 7.07 13.44
CA GLU A 329 18.38 6.23 14.47
C GLU A 329 18.35 6.96 15.79
N PRO A 330 17.17 7.27 16.31
CA PRO A 330 17.00 8.01 17.55
C PRO A 330 17.62 7.32 18.75
N GLU A 331 18.13 8.10 19.72
CA GLU A 331 18.79 7.53 20.88
C GLU A 331 17.93 6.59 21.70
N TRP A 332 16.64 6.86 21.85
CA TRP A 332 15.70 5.98 22.55
C TRP A 332 15.74 4.56 22.00
N PHE A 333 16.00 4.33 20.72
CA PHE A 333 16.09 3.00 20.14
C PHE A 333 17.28 2.20 20.64
N LYS A 334 18.34 2.85 21.12
CA LYS A 334 19.53 2.21 21.63
C LYS A 334 19.47 2.02 23.14
N TRP A 335 18.49 2.61 23.82
CA TRP A 335 18.36 2.40 25.27
C TRP A 335 17.95 0.96 25.56
N SER A 336 17.97 0.60 26.85
CA SER A 336 17.51 -0.76 27.19
C SER A 336 16.00 -0.66 27.20
N GLN A 337 15.26 -1.77 27.18
CA GLN A 337 13.80 -1.67 27.28
C GLN A 337 13.43 -1.17 28.68
N GLN A 338 14.25 -1.53 29.69
CA GLN A 338 14.03 -1.06 31.05
C GLN A 338 14.02 0.46 31.14
N LYS A 339 15.00 1.11 30.54
CA LYS A 339 15.12 2.55 30.49
C LYS A 339 13.96 3.14 29.69
N ARG A 340 13.60 2.44 28.60
CA ARG A 340 12.41 2.90 27.88
C ARG A 340 11.18 2.83 28.78
N ASN A 341 11.00 1.73 29.50
CA ASN A 341 9.84 1.58 30.38
C ASN A 341 9.79 2.66 31.44
N GLU A 342 10.92 2.93 32.09
CA GLU A 342 10.93 3.98 33.14
C GLU A 342 10.55 5.32 32.55
N GLU A 343 11.15 5.63 31.38
CA GLU A 343 10.78 6.92 30.75
C GLU A 343 9.28 6.92 30.45
N ALA A 344 8.75 5.81 29.93
CA ALA A 344 7.33 5.71 29.62
C ALA A 344 6.45 5.94 30.85
N LYS A 345 6.73 5.20 31.93
CA LYS A 345 5.93 5.31 33.15
C LYS A 345 5.95 6.71 33.73
N LYS A 346 7.10 7.36 33.71
CA LYS A 346 7.25 8.73 34.18
C LYS A 346 6.40 9.68 33.36
N LEU A 347 6.41 9.56 32.03
CA LEU A 347 5.55 10.41 31.20
C LEU A 347 4.06 10.23 31.45
N LEU A 348 3.60 8.99 31.66
CA LEU A 348 2.18 8.78 31.94
C LEU A 348 1.84 9.33 33.33
N ALA A 349 2.79 9.17 34.26
CA ALA A 349 2.61 9.72 35.60
C ALA A 349 2.50 11.23 35.46
N GLU A 350 3.40 11.86 34.68
CA GLU A 350 3.31 13.29 34.43
C GLU A 350 1.98 13.66 33.77
N ALA A 351 1.47 12.83 32.87
CA ALA A 351 0.22 13.07 32.16
C ALA A 351 -1.04 12.96 33.02
N GLY A 352 -0.96 12.54 34.27
CA GLY A 352 -2.08 12.46 35.16
C GLY A 352 -2.62 11.06 35.41
N PHE A 353 -1.95 10.02 34.92
CA PHE A 353 -2.44 8.66 35.11
C PHE A 353 -1.85 7.98 36.33
N THR A 354 -2.70 7.23 37.03
CA THR A 354 -2.28 6.52 38.23
C THR A 354 -2.83 5.10 38.25
N ALA A 355 -2.49 4.31 39.29
CA ALA A 355 -3.06 2.98 39.41
C ALA A 355 -4.59 3.05 39.50
N ASP A 356 -5.12 4.02 40.22
CA ASP A 356 -6.54 4.21 40.42
C ASP A 356 -7.26 4.84 39.24
N LYS A 357 -6.58 5.62 38.40
CA LYS A 357 -7.20 6.20 37.21
C LYS A 357 -6.28 5.93 36.02
N PRO A 358 -6.19 4.66 35.62
CA PRO A 358 -5.25 4.25 34.59
C PRO A 358 -5.68 4.66 33.19
N LEU A 359 -4.77 4.39 32.25
CA LEU A 359 -5.06 4.74 30.86
C LEU A 359 -5.67 3.49 30.21
N THR A 360 -6.88 3.67 29.68
CA THR A 360 -7.54 2.52 29.06
C THR A 360 -8.08 2.95 27.70
N PHE A 361 -7.83 2.14 26.67
CA PHE A 361 -8.33 2.51 25.35
C PHE A 361 -8.49 1.31 24.43
N ASP A 362 -9.07 1.52 23.24
CA ASP A 362 -9.24 0.42 22.29
C ASP A 362 -8.03 0.15 21.39
N LEU A 363 -7.83 -1.09 21.00
CA LEU A 363 -6.76 -1.43 20.04
C LEU A 363 -7.48 -2.15 18.90
N LEU A 364 -7.62 -1.43 17.79
CA LEU A 364 -8.39 -1.89 16.65
C LEU A 364 -7.51 -2.59 15.62
N TYR A 365 -7.98 -3.70 15.06
CA TYR A 365 -7.17 -4.38 14.06
C TYR A 365 -8.13 -5.06 13.07
N ASN A 366 -7.64 -5.27 11.85
CA ASN A 366 -8.46 -5.98 10.87
C ASN A 366 -8.37 -7.48 11.15
N THR A 367 -9.51 -8.13 11.14
CA THR A 367 -9.66 -9.56 11.37
C THR A 367 -8.54 -10.35 10.74
N SER A 368 -7.80 -11.07 11.59
CA SER A 368 -6.59 -11.77 11.15
C SER A 368 -6.02 -12.54 12.35
N ASP A 369 -5.50 -13.72 12.12
CA ASP A 369 -4.88 -14.50 13.17
C ASP A 369 -3.56 -13.82 13.59
N LEU A 370 -2.73 -13.46 12.62
CA LEU A 370 -1.51 -12.73 12.84
C LEU A 370 -1.72 -11.41 13.58
N HIS A 371 -2.63 -10.53 13.12
CA HIS A 371 -2.76 -9.25 13.83
C HIS A 371 -3.37 -9.44 15.23
N LYS A 372 -4.21 -10.44 15.42
CA LYS A 372 -4.80 -10.69 16.74
C LYS A 372 -3.68 -11.14 17.69
N LYS A 373 -2.87 -12.12 17.25
CA LYS A 373 -1.74 -12.54 18.10
C LYS A 373 -0.81 -11.39 18.45
N LEU A 374 -0.46 -10.52 17.49
CA LEU A 374 0.37 -9.35 17.72
C LEU A 374 -0.31 -8.37 18.68
N ALA A 375 -1.59 -8.12 18.49
CA ALA A 375 -2.32 -7.20 19.39
C ALA A 375 -2.40 -7.76 20.81
N ILE A 376 -2.59 -9.06 20.95
CA ILE A 376 -2.61 -9.68 22.30
C ILE A 376 -1.26 -9.48 22.99
N ALA A 377 -0.19 -9.74 22.25
CA ALA A 377 1.17 -9.52 22.74
C ALA A 377 1.45 -8.08 23.14
N VAL A 378 1.03 -7.13 22.33
CA VAL A 378 1.22 -5.71 22.58
C VAL A 378 0.42 -5.29 23.79
N ALA A 379 -0.79 -5.81 23.93
CA ALA A 379 -1.64 -5.51 25.08
C ALA A 379 -0.99 -5.97 26.40
N SER A 380 -0.44 -7.18 26.39
CA SER A 380 0.25 -7.73 27.55
C SER A 380 1.53 -6.97 27.90
N ILE A 381 2.27 -6.56 26.87
CA ILE A 381 3.50 -5.79 27.06
C ILE A 381 3.19 -4.43 27.66
N TRP A 382 2.19 -3.75 27.10
CA TRP A 382 1.78 -2.44 27.58
C TRP A 382 1.20 -2.56 29.00
N LYS A 383 0.50 -3.64 29.28
CA LYS A 383 -0.04 -3.85 30.63
C LYS A 383 1.12 -4.02 31.61
N LYS A 384 2.00 -4.94 31.34
CA LYS A 384 3.18 -5.25 32.13
C LYS A 384 4.15 -4.08 32.32
N ASN A 385 4.58 -3.48 31.21
CA ASN A 385 5.56 -2.43 31.22
C ASN A 385 5.05 -1.05 31.62
N LEU A 386 3.78 -0.81 31.39
CA LEU A 386 3.27 0.55 31.61
C LEU A 386 1.99 0.65 32.39
N GLY A 387 1.34 -0.45 32.76
CA GLY A 387 0.10 -0.42 33.51
C GLY A 387 -1.11 0.11 32.75
N VAL A 388 -1.08 -0.01 31.40
CA VAL A 388 -2.19 0.46 30.59
C VAL A 388 -3.06 -0.73 30.16
N ASN A 389 -4.36 -0.50 30.08
CA ASN A 389 -5.32 -1.53 29.72
C ASN A 389 -5.88 -1.26 28.32
N VAL A 390 -5.98 -2.33 27.55
CA VAL A 390 -6.50 -2.15 26.18
C VAL A 390 -7.64 -3.12 25.90
N ASN A 391 -8.63 -2.71 25.15
CA ASN A 391 -9.74 -3.53 24.71
C ASN A 391 -9.51 -3.82 23.22
N LEU A 392 -9.21 -5.07 22.90
CA LEU A 392 -8.99 -5.45 21.52
C LEU A 392 -10.28 -5.47 20.75
N GLU A 393 -10.30 -5.01 19.49
CA GLU A 393 -11.50 -5.01 18.67
C GLU A 393 -11.09 -5.37 17.23
N ASN A 394 -11.80 -6.31 16.62
CA ASN A 394 -11.44 -6.64 15.23
C ASN A 394 -12.55 -6.13 14.33
N GLN A 395 -12.19 -5.73 13.11
CA GLN A 395 -13.17 -5.30 12.13
C GLN A 395 -12.76 -5.83 10.76
N GLU A 396 -13.73 -6.17 9.91
CA GLU A 396 -13.37 -6.63 8.56
C GLU A 396 -12.54 -5.57 7.84
N TRP A 397 -11.61 -5.92 6.97
CA TRP A 397 -10.74 -5.00 6.25
C TRP A 397 -11.41 -3.74 5.73
N LYS A 398 -12.43 -3.82 4.89
CA LYS A 398 -13.08 -2.61 4.38
C LYS A 398 -13.60 -1.71 5.48
N THR A 399 -14.25 -2.30 6.50
CA THR A 399 -14.79 -1.44 7.58
C THR A 399 -13.67 -0.78 8.39
N PHE A 400 -12.61 -1.54 8.62
CA PHE A 400 -11.44 -1.06 9.37
C PHE A 400 -10.82 0.18 8.74
N LEU A 401 -10.66 0.15 7.42
CA LEU A 401 -10.10 1.30 6.71
C LEU A 401 -10.99 2.54 6.90
N ASP A 402 -12.30 2.34 6.75
CA ASP A 402 -13.25 3.44 6.90
C ASP A 402 -13.28 3.99 8.32
N THR A 403 -13.21 3.12 9.32
CA THR A 403 -13.12 3.61 10.71
C THR A 403 -11.92 4.54 10.87
N ARG A 404 -10.75 4.14 10.37
CA ARG A 404 -9.56 4.99 10.52
C ARG A 404 -9.74 6.30 9.78
N HIS A 405 -10.37 6.25 8.59
CA HIS A 405 -10.64 7.53 7.91
C HIS A 405 -11.62 8.36 8.72
N GLN A 406 -12.62 7.75 9.35
CA GLN A 406 -13.59 8.54 10.12
C GLN A 406 -12.98 9.10 11.40
N GLY A 407 -11.88 8.52 11.85
CA GLY A 407 -11.26 8.88 13.10
C GLY A 407 -12.15 8.30 14.21
N THR A 408 -12.86 7.16 14.01
CA THR A 408 -13.67 6.68 15.13
C THR A 408 -12.94 5.59 15.88
N PHE A 409 -11.72 6.00 16.34
CA PHE A 409 -10.84 5.08 17.02
C PHE A 409 -9.87 5.75 17.97
N ASP A 410 -9.22 4.88 18.73
CA ASP A 410 -8.19 5.32 19.68
C ASP A 410 -6.85 4.98 19.06
N VAL A 411 -6.49 3.70 19.09
CA VAL A 411 -5.28 3.21 18.45
C VAL A 411 -5.66 2.09 17.48
N ALA A 412 -4.96 1.96 16.36
CA ALA A 412 -5.20 0.88 15.42
C ALA A 412 -3.89 0.29 14.91
N ARG A 413 -3.88 -1.03 14.66
CA ARG A 413 -2.68 -1.57 14.01
C ARG A 413 -2.65 -0.99 12.59
N ALA A 414 -1.49 -1.00 11.94
CA ALA A 414 -1.43 -0.43 10.61
C ALA A 414 -0.16 -0.86 9.89
N GLY A 415 -0.26 -0.89 8.56
CA GLY A 415 0.92 -1.14 7.75
C GLY A 415 0.81 -0.16 6.57
N TRP A 416 1.93 0.43 6.24
CA TRP A 416 1.97 1.29 5.02
C TRP A 416 3.05 0.65 4.15
N CYS A 417 2.75 0.40 2.87
CA CYS A 417 3.70 -0.14 1.92
C CYS A 417 3.93 0.89 0.81
N ALA A 418 5.19 1.09 0.41
CA ALA A 418 5.43 2.13 -0.61
C ALA A 418 4.59 1.94 -1.87
N ASP A 419 4.25 3.08 -2.49
CA ASP A 419 3.58 3.11 -3.77
C ASP A 419 4.63 3.37 -4.87
N TYR A 420 5.72 4.00 -4.48
CA TYR A 420 6.86 4.24 -5.36
C TYR A 420 8.10 4.24 -4.44
N ASN A 421 9.23 3.77 -4.93
CA ASN A 421 10.40 3.63 -4.07
C ASN A 421 11.17 4.94 -3.85
N GLU A 422 10.71 5.75 -2.93
CA GLU A 422 11.29 7.08 -2.65
C GLU A 422 10.64 7.51 -1.34
N PRO A 423 11.35 8.13 -0.41
CA PRO A 423 10.83 8.42 0.91
C PRO A 423 9.51 9.15 0.96
N THR A 424 9.22 10.06 0.05
CA THR A 424 7.96 10.79 0.09
C THR A 424 6.77 9.84 -0.09
N SER A 425 6.92 8.67 -0.71
CA SER A 425 5.81 7.73 -0.73
C SER A 425 5.27 7.44 0.67
N PHE A 426 6.17 7.42 1.65
CA PHE A 426 5.73 7.34 3.03
C PHE A 426 5.42 8.74 3.61
N LEU A 427 6.41 9.64 3.56
CA LEU A 427 6.27 10.92 4.24
C LEU A 427 5.10 11.79 3.83
N ASN A 428 4.66 11.76 2.58
CA ASN A 428 3.55 12.57 2.11
C ASN A 428 2.23 12.18 2.78
N THR A 429 2.18 10.95 3.30
CA THR A 429 0.97 10.51 3.98
C THR A 429 0.81 11.12 5.36
N MET A 430 1.82 11.77 5.91
CA MET A 430 1.67 12.45 7.19
C MET A 430 1.51 13.96 7.04
N LEU A 431 1.34 14.45 5.82
CA LEU A 431 1.09 15.88 5.59
C LEU A 431 -0.28 16.19 6.18
N SER A 432 -0.43 17.37 6.77
CA SER A 432 -1.70 17.77 7.37
C SER A 432 -2.91 17.48 6.51
N ASP A 433 -2.85 17.88 5.24
CA ASP A 433 -3.98 17.73 4.34
C ASP A 433 -3.96 16.44 3.51
N SER A 434 -3.15 15.43 3.82
CA SER A 434 -3.13 14.25 2.98
C SER A 434 -4.38 13.42 3.10
N SER A 435 -4.96 12.98 1.97
CA SER A 435 -6.11 12.10 2.04
C SER A 435 -5.74 10.75 2.64
N ASN A 436 -4.46 10.36 2.69
CA ASN A 436 -4.06 9.08 3.29
C ASN A 436 -3.73 9.26 4.76
N ASN A 437 -3.90 10.46 5.34
CA ASN A 437 -3.50 10.69 6.72
C ASN A 437 -4.52 10.20 7.75
N THR A 438 -4.44 8.90 8.09
CA THR A 438 -5.40 8.36 9.06
C THR A 438 -4.81 8.43 10.44
N ALA A 439 -3.59 8.99 10.58
CA ALA A 439 -3.06 9.20 11.93
C ALA A 439 -3.76 10.48 12.45
N HIS A 440 -4.29 11.29 11.54
CA HIS A 440 -4.91 12.57 11.87
C HIS A 440 -3.91 13.51 12.52
N TYR A 441 -2.67 13.42 12.00
CA TYR A 441 -1.53 14.18 12.46
C TYR A 441 -1.41 15.46 11.63
N LYS A 442 -1.23 16.58 12.32
CA LYS A 442 -1.14 17.87 11.65
C LYS A 442 -0.02 18.67 12.32
N SER A 443 1.09 18.74 11.59
CA SER A 443 2.27 19.48 12.03
C SER A 443 2.76 20.42 10.96
N PRO A 444 2.64 21.74 11.19
CA PRO A 444 3.16 22.74 10.27
C PRO A 444 4.66 22.57 10.07
N ALA A 445 5.41 22.19 11.09
CA ALA A 445 6.85 21.99 10.96
C ALA A 445 7.17 20.80 10.05
N PHE A 446 6.40 19.73 10.25
CA PHE A 446 6.58 18.55 9.38
C PHE A 446 6.21 18.94 7.96
N ASP A 447 5.09 19.62 7.73
CA ASP A 447 4.67 20.02 6.42
C ASP A 447 5.71 20.86 5.68
N LYS A 448 6.35 21.77 6.42
CA LYS A 448 7.39 22.63 5.87
C LYS A 448 8.63 21.86 5.44
N LEU A 449 9.07 20.93 6.29
CA LEU A 449 10.21 20.09 5.93
C LEU A 449 10.00 19.41 4.60
N ILE A 450 8.83 18.78 4.37
CA ILE A 450 8.59 18.11 3.10
C ILE A 450 8.45 19.04 1.90
N ALA A 451 7.80 20.17 2.12
CA ALA A 451 7.59 21.19 1.10
C ALA A 451 8.97 21.66 0.59
N ASP A 452 9.90 21.80 1.51
CA ASP A 452 11.27 22.19 1.12
C ASP A 452 12.03 21.19 0.29
N THR A 453 11.71 19.90 0.27
CA THR A 453 12.40 18.90 -0.50
C THR A 453 12.36 19.11 -2.00
N LEU A 454 11.37 19.76 -2.60
CA LEU A 454 11.35 19.97 -4.05
C LEU A 454 11.75 21.40 -4.41
N LYS A 455 12.16 22.16 -3.39
CA LYS A 455 12.65 23.52 -3.58
C LYS A 455 14.18 23.51 -3.74
N VAL A 456 14.79 22.43 -3.33
CA VAL A 456 16.22 22.19 -3.49
C VAL A 456 16.32 21.29 -4.74
N ALA A 457 17.43 21.31 -5.47
CA ALA A 457 17.51 20.45 -6.66
C ALA A 457 18.72 19.55 -6.45
N ASP A 458 18.77 19.01 -5.24
CA ASP A 458 19.93 18.23 -4.78
C ASP A 458 19.50 17.05 -3.94
N ASP A 459 20.00 15.85 -4.23
CA ASP A 459 19.69 14.64 -3.51
C ASP A 459 20.11 14.65 -2.04
N THR A 460 21.30 15.19 -1.74
CA THR A 460 21.75 15.17 -0.36
C THR A 460 20.89 16.08 0.52
N GLN A 461 20.55 17.27 0.02
CA GLN A 461 19.68 18.13 0.82
C GLN A 461 18.31 17.47 0.98
N ARG A 462 17.83 16.81 -0.08
CA ARG A 462 16.54 16.13 0.00
C ARG A 462 16.59 15.02 1.07
N SER A 463 17.61 14.17 1.01
CA SER A 463 17.74 13.08 1.98
C SER A 463 17.84 13.62 3.40
N GLU A 464 18.62 14.69 3.60
CA GLU A 464 18.74 15.28 4.94
C GLU A 464 17.40 15.80 5.41
N LEU A 465 16.58 16.37 4.53
CA LEU A 465 15.27 16.86 4.88
C LEU A 465 14.32 15.70 5.22
N TYR A 466 14.42 14.59 4.51
CA TYR A 466 13.57 13.43 4.88
C TYR A 466 13.97 12.95 6.26
N ALA A 467 15.28 12.86 6.53
CA ALA A 467 15.76 12.44 7.84
C ALA A 467 15.21 13.38 8.92
N LYS A 468 15.22 14.68 8.69
CA LYS A 468 14.68 15.63 9.66
C LYS A 468 13.17 15.53 9.76
N ALA A 469 12.50 15.24 8.63
CA ALA A 469 11.04 15.04 8.70
C ALA A 469 10.76 13.83 9.60
N GLU A 470 11.53 12.75 9.47
CA GLU A 470 11.30 11.59 10.35
C GLU A 470 11.57 11.99 11.80
N GLN A 471 12.66 12.75 12.03
CA GLN A 471 12.92 13.22 13.40
C GLN A 471 11.74 14.02 13.93
N GLN A 472 11.09 14.86 13.13
CA GLN A 472 9.94 15.62 13.64
C GLN A 472 8.79 14.68 14.02
N LEU A 473 8.53 13.72 13.14
CA LEU A 473 7.47 12.73 13.41
C LEU A 473 7.75 11.97 14.70
N ASP A 474 8.98 11.53 14.91
CA ASP A 474 9.40 10.80 16.09
C ASP A 474 9.31 11.66 17.35
N LYS A 475 9.81 12.89 17.24
CA LYS A 475 9.76 13.84 18.38
C LYS A 475 8.31 14.00 18.81
N ASP A 476 7.37 14.08 17.86
CA ASP A 476 5.95 14.21 18.18
C ASP A 476 5.30 12.87 18.51
N SER A 477 5.97 11.75 18.31
CA SER A 477 5.42 10.43 18.51
C SER A 477 4.05 10.35 17.83
N ALA A 478 4.02 10.70 16.52
CA ALA A 478 2.79 10.59 15.77
C ALA A 478 2.35 9.12 15.74
N ILE A 479 3.27 8.19 15.63
CA ILE A 479 2.94 6.77 15.57
C ILE A 479 3.82 5.97 16.51
N VAL A 480 3.56 4.67 16.55
CA VAL A 480 4.35 3.70 17.26
C VAL A 480 4.88 2.71 16.23
N PRO A 481 6.10 2.94 15.77
CA PRO A 481 6.78 2.05 14.85
C PRO A 481 7.03 0.70 15.51
N VAL A 482 6.71 -0.37 14.79
CA VAL A 482 6.89 -1.71 15.36
C VAL A 482 7.99 -2.45 14.60
N TYR A 483 7.80 -2.74 13.32
CA TYR A 483 8.85 -3.40 12.57
C TYR A 483 8.77 -3.07 11.07
N TYR A 484 9.90 -3.30 10.40
CA TYR A 484 9.91 -3.15 8.94
C TYR A 484 9.56 -4.55 8.46
N TYR A 485 8.58 -4.69 7.57
CA TYR A 485 8.19 -6.00 7.14
C TYR A 485 9.20 -6.74 6.25
N VAL A 486 9.08 -8.08 6.34
CA VAL A 486 9.66 -8.90 5.30
C VAL A 486 8.41 -9.37 4.52
N ASN A 487 8.58 -9.71 3.26
CA ASN A 487 7.50 -10.23 2.44
C ASN A 487 7.56 -11.78 2.47
N ALA A 488 6.78 -12.40 3.33
CA ALA A 488 6.79 -13.86 3.50
C ALA A 488 5.47 -14.47 3.03
N ARG A 489 5.53 -15.44 2.15
CA ARG A 489 4.34 -16.08 1.61
C ARG A 489 4.77 -17.45 1.08
N LEU A 490 3.79 -18.26 0.72
CA LEU A 490 4.09 -19.57 0.16
C LEU A 490 3.72 -19.53 -1.31
N VAL A 491 4.53 -20.14 -2.16
CA VAL A 491 4.36 -20.14 -3.61
C VAL A 491 4.71 -21.55 -4.13
N LYS A 492 3.79 -22.20 -4.80
CA LYS A 492 3.99 -23.59 -5.23
C LYS A 492 5.17 -23.62 -6.18
N PRO A 493 5.87 -24.76 -6.23
CA PRO A 493 7.04 -24.92 -7.08
C PRO A 493 6.74 -24.79 -8.55
N TRP A 494 5.52 -25.02 -8.99
CA TRP A 494 5.11 -24.92 -10.37
C TRP A 494 4.69 -23.51 -10.77
N VAL A 495 4.70 -22.53 -9.85
CA VAL A 495 4.35 -21.16 -10.27
C VAL A 495 5.66 -20.47 -10.70
N GLY A 496 5.76 -20.17 -11.99
CA GLY A 496 6.97 -19.50 -12.47
C GLY A 496 6.73 -18.00 -12.66
N GLY A 497 7.84 -17.26 -12.61
CA GLY A 497 7.74 -15.82 -12.88
C GLY A 497 7.77 -14.92 -11.68
N TYR A 498 7.73 -15.51 -10.48
CA TYR A 498 7.73 -14.69 -9.26
C TYR A 498 9.14 -14.69 -8.68
N THR A 499 9.84 -13.58 -8.87
CA THR A 499 11.23 -13.43 -8.52
C THR A 499 11.42 -13.17 -7.04
N GLY A 500 10.56 -12.32 -6.48
CA GLY A 500 10.66 -11.90 -5.08
C GLY A 500 11.61 -10.70 -5.01
N LYS A 501 12.07 -10.19 -6.15
CA LYS A 501 13.01 -9.08 -6.20
C LYS A 501 12.35 -7.72 -6.07
N ASP A 502 11.04 -7.61 -6.33
CA ASP A 502 10.40 -6.31 -6.27
C ASP A 502 10.08 -6.00 -4.82
N PRO A 503 10.69 -4.97 -4.24
CA PRO A 503 10.45 -4.61 -2.86
C PRO A 503 9.08 -3.99 -2.61
N LEU A 504 8.36 -3.67 -3.70
CA LEU A 504 7.00 -3.17 -3.60
C LEU A 504 6.01 -4.31 -3.82
N ASP A 505 6.49 -5.45 -4.33
CA ASP A 505 5.61 -6.60 -4.61
C ASP A 505 4.43 -6.25 -5.51
N ASN A 506 4.70 -5.54 -6.59
CA ASN A 506 3.69 -5.18 -7.58
C ASN A 506 3.58 -6.34 -8.58
N ILE A 507 2.97 -7.46 -8.17
CA ILE A 507 2.82 -8.61 -9.05
C ILE A 507 1.75 -8.42 -10.12
N TYR A 508 2.06 -8.85 -11.33
CA TYR A 508 1.09 -8.89 -12.42
C TYR A 508 0.93 -10.36 -12.81
N VAL A 509 -0.31 -10.89 -12.80
CA VAL A 509 -0.51 -12.31 -13.16
C VAL A 509 -0.18 -12.55 -14.61
N LYS A 510 -0.17 -11.50 -15.46
CA LYS A 510 0.29 -11.65 -16.85
C LYS A 510 1.75 -12.08 -16.94
N ASN A 511 2.53 -11.95 -15.87
CA ASN A 511 3.92 -12.30 -15.86
C ASN A 511 4.18 -13.70 -15.31
N LEU A 512 3.15 -14.40 -14.86
CA LEU A 512 3.37 -15.73 -14.29
C LEU A 512 3.05 -16.85 -15.27
N TYR A 513 3.39 -18.08 -14.92
CA TYR A 513 3.07 -19.23 -15.80
C TYR A 513 3.10 -20.48 -14.93
N ILE A 514 2.32 -21.49 -15.31
CA ILE A 514 2.25 -22.73 -14.54
C ILE A 514 3.14 -23.78 -15.23
N ILE A 515 4.14 -24.26 -14.51
CA ILE A 515 5.04 -25.28 -15.04
C ILE A 515 4.37 -26.65 -14.94
N LYS A 516 4.60 -27.53 -15.89
CA LYS A 516 3.95 -28.84 -15.87
C LYS A 516 4.34 -29.59 -14.59
N HIS A 517 3.36 -30.16 -13.91
CA HIS A 517 3.67 -30.89 -12.69
C HIS A 517 2.64 -32.01 -12.46
N LYS B 1 0.37 2.40 -0.08
CA LYS B 1 -0.92 1.64 0.04
C LYS B 1 -1.03 1.02 1.44
N LYS B 3 -1.75 -1.64 4.33
CA LYS B 3 -1.67 -3.08 4.55
C LYS B 3 -1.82 -3.37 6.06
#